data_4UD7
#
_entry.id   4UD7
#
_cell.length_a   46.148
_cell.length_b   69.538
_cell.length_c   78.464
_cell.angle_alpha   90.00
_cell.angle_beta   102.36
_cell.angle_gamma   90.00
#
_symmetry.space_group_name_H-M   'P 1 21 1'
#
loop_
_entity.id
_entity.type
_entity.pdbx_description
1 polymer MDM2
2 polymer YS-02
3 water water
#
loop_
_entity_poly.entity_id
_entity_poly.type
_entity_poly.pdbx_seq_one_letter_code
_entity_poly.pdbx_strand_id
1 'polypeptide(L)'
;GPLGSSQIPASEQETLVRPKPLLLKLLKSVGAQKDTYTMKEVLFYLGQYIMTKRLYDAAQQHIVYCSNDLLGDLFGVPSF
SVKEHRKIYTMIYRNLVVVNQQESSDSGTSVSEN
;
A,B,C,D
2 'polypeptide(L)' (ACE)TSF(2JN)EYW(2JN)LLPENY(NH2) F,G,H,I
#
# COMPACT_ATOMS: atom_id res chain seq x y z
N GLY A 4 2.39 -2.64 9.90
CA GLY A 4 1.65 -3.58 9.00
C GLY A 4 2.43 -3.90 7.74
N SER A 5 1.71 -4.36 6.73
CA SER A 5 2.34 -4.90 5.52
C SER A 5 2.98 -3.87 4.57
N SER A 6 2.82 -2.58 4.89
CA SER A 6 3.46 -1.50 4.14
C SER A 6 4.99 -1.45 4.30
N GLN A 7 5.52 -2.26 5.22
CA GLN A 7 6.97 -2.38 5.37
C GLN A 7 7.62 -3.49 4.51
N ILE A 8 6.83 -4.35 3.87
CA ILE A 8 7.38 -5.29 2.88
C ILE A 8 7.89 -4.49 1.66
N PRO A 9 9.11 -4.82 1.16
CA PRO A 9 9.59 -4.12 -0.04
C PRO A 9 8.53 -4.20 -1.14
N ALA A 10 8.29 -3.07 -1.80
CA ALA A 10 7.19 -2.97 -2.76
C ALA A 10 7.26 -4.05 -3.85
N SER A 11 8.47 -4.37 -4.30
CA SER A 11 8.69 -5.34 -5.37
C SER A 11 8.39 -6.79 -4.96
N GLU A 12 8.28 -7.04 -3.66
CA GLU A 12 7.96 -8.38 -3.12
C GLU A 12 6.50 -8.54 -2.68
N GLN A 13 5.70 -7.46 -2.81
CA GLN A 13 4.31 -7.52 -2.37
C GLN A 13 3.43 -8.08 -3.48
N GLU A 14 2.61 -9.08 -3.16
CA GLU A 14 1.53 -9.50 -4.05
C GLU A 14 0.23 -8.99 -3.47
N THR A 15 -0.45 -8.08 -4.16
CA THR A 15 -1.73 -7.56 -3.67
C THR A 15 -2.85 -8.34 -4.29
N LEU A 16 -3.60 -9.05 -3.45
N LEU A 16 -3.57 -9.09 -3.46
CA LEU A 16 -4.68 -9.89 -3.90
CA LEU A 16 -4.68 -9.93 -3.92
C LEU A 16 -6.01 -9.42 -3.34
C LEU A 16 -5.99 -9.62 -3.20
N VAL A 17 -7.09 -10.01 -3.83
CA VAL A 17 -8.43 -9.79 -3.26
C VAL A 17 -9.06 -11.16 -3.08
N ARG A 18 -10.09 -11.20 -2.25
CA ARG A 18 -10.82 -12.42 -1.89
C ARG A 18 -12.30 -12.23 -2.26
N PRO A 19 -12.74 -12.82 -3.39
CA PRO A 19 -14.17 -12.69 -3.72
C PRO A 19 -15.10 -13.28 -2.68
N LYS A 20 -16.26 -12.63 -2.46
CA LYS A 20 -17.35 -13.16 -1.64
C LYS A 20 -17.90 -14.45 -2.29
N PRO A 21 -18.65 -15.26 -1.53
CA PRO A 21 -18.99 -16.61 -2.02
C PRO A 21 -19.74 -16.67 -3.37
N LEU A 22 -20.70 -15.77 -3.60
CA LEU A 22 -21.43 -15.81 -4.87
C LEU A 22 -20.59 -15.38 -6.07
N LEU A 23 -19.78 -14.32 -5.94
CA LEU A 23 -18.84 -13.99 -7.00
C LEU A 23 -17.83 -15.12 -7.22
N LEU A 24 -17.36 -15.76 -6.16
CA LEU A 24 -16.42 -16.88 -6.30
C LEU A 24 -17.06 -18.00 -7.11
N LYS A 25 -18.33 -18.29 -6.83
CA LYS A 25 -19.06 -19.34 -7.58
C LYS A 25 -19.09 -19.01 -9.08
N LEU A 26 -19.34 -17.75 -9.37
CA LEU A 26 -19.38 -17.27 -10.74
C LEU A 26 -18.00 -17.52 -11.44
N LEU A 27 -16.91 -17.14 -10.78
CA LEU A 27 -15.58 -17.29 -11.39
C LEU A 27 -15.23 -18.79 -11.56
N LYS A 28 -15.57 -19.58 -10.56
CA LYS A 28 -15.27 -21.01 -10.62
C LYS A 28 -16.08 -21.71 -11.71
N SER A 29 -17.24 -21.15 -12.08
CA SER A 29 -18.07 -21.75 -13.12
C SER A 29 -17.40 -21.73 -14.50
N VAL A 30 -16.44 -20.84 -14.71
CA VAL A 30 -15.67 -20.83 -15.96
C VAL A 30 -14.21 -21.26 -15.76
N GLY A 31 -13.95 -21.96 -14.65
CA GLY A 31 -12.67 -22.65 -14.52
C GLY A 31 -11.72 -22.12 -13.47
N ALA A 32 -12.09 -21.05 -12.76
CA ALA A 32 -11.19 -20.52 -11.71
C ALA A 32 -11.00 -21.56 -10.60
N GLN A 33 -9.80 -21.61 -10.02
CA GLN A 33 -9.39 -22.69 -9.10
C GLN A 33 -9.06 -22.21 -7.67
N LYS A 34 -8.93 -20.91 -7.47
CA LYS A 34 -8.34 -20.35 -6.24
C LYS A 34 -9.37 -19.63 -5.37
N ASP A 35 -8.97 -19.21 -4.16
CA ASP A 35 -9.82 -18.41 -3.27
C ASP A 35 -9.42 -16.93 -3.29
N THR A 36 -8.22 -16.66 -3.79
CA THR A 36 -7.69 -15.29 -3.86
C THR A 36 -7.07 -15.04 -5.23
N TYR A 37 -7.16 -13.80 -5.68
CA TYR A 37 -6.86 -13.41 -7.06
C TYR A 37 -6.31 -12.01 -7.09
N THR A 38 -5.49 -11.71 -8.11
CA THR A 38 -5.21 -10.32 -8.42
C THR A 38 -6.47 -9.73 -9.05
N MET A 39 -6.62 -8.41 -8.97
CA MET A 39 -7.74 -7.73 -9.69
C MET A 39 -7.74 -8.05 -11.20
N LYS A 40 -6.55 -8.11 -11.81
N LYS A 40 -6.55 -8.11 -11.79
CA LYS A 40 -6.46 -8.48 -13.23
CA LYS A 40 -6.38 -8.49 -13.20
C LYS A 40 -7.05 -9.86 -13.52
C LYS A 40 -7.03 -9.84 -13.51
N GLU A 41 -6.70 -10.84 -12.69
CA GLU A 41 -7.28 -12.18 -12.83
C GLU A 41 -8.81 -12.18 -12.67
N VAL A 42 -9.35 -11.43 -11.71
CA VAL A 42 -10.79 -11.31 -11.56
C VAL A 42 -11.40 -10.77 -12.86
N LEU A 43 -10.78 -9.72 -13.40
CA LEU A 43 -11.27 -9.10 -14.62
C LEU A 43 -11.20 -10.06 -15.84
N PHE A 44 -10.12 -10.83 -15.96
CA PHE A 44 -10.04 -11.81 -17.06
C PHE A 44 -11.14 -12.87 -16.94
N TYR A 45 -11.30 -13.43 -15.75
CA TYR A 45 -12.34 -14.44 -15.56
C TYR A 45 -13.77 -13.86 -15.73
N LEU A 46 -14.00 -12.63 -15.27
N LEU A 46 -13.98 -12.61 -15.30
CA LEU A 46 -15.31 -12.03 -15.45
CA LEU A 46 -15.28 -11.96 -15.48
C LEU A 46 -15.57 -11.78 -16.94
C LEU A 46 -15.57 -11.79 -16.95
N GLY A 47 -14.55 -11.36 -17.70
CA GLY A 47 -14.71 -11.19 -19.17
C GLY A 47 -15.07 -12.53 -19.83
N GLN A 48 -14.35 -13.57 -19.41
CA GLN A 48 -14.60 -14.92 -19.92
C GLN A 48 -16.03 -15.42 -19.59
N TYR A 49 -16.48 -15.14 -18.37
CA TYR A 49 -17.84 -15.48 -17.93
C TYR A 49 -18.88 -14.79 -18.82
N ILE A 50 -18.72 -13.48 -19.01
CA ILE A 50 -19.63 -12.73 -19.89
C ILE A 50 -19.69 -13.29 -21.32
N MET A 51 -18.54 -13.70 -21.86
N MET A 51 -18.51 -13.65 -21.87
CA MET A 51 -18.54 -14.30 -23.20
CA MET A 51 -18.43 -14.22 -23.24
C MET A 51 -19.18 -15.68 -23.23
C MET A 51 -19.14 -15.57 -23.32
N THR A 52 -18.84 -16.50 -22.24
N THR A 52 -18.87 -16.43 -22.36
CA THR A 52 -19.41 -17.86 -22.16
CA THR A 52 -19.43 -17.79 -22.42
C THR A 52 -20.92 -17.81 -22.09
C THR A 52 -20.95 -17.82 -22.12
N LYS A 53 -21.45 -16.88 -21.29
CA LYS A 53 -22.90 -16.76 -21.05
C LYS A 53 -23.60 -15.86 -22.07
N ARG A 54 -22.81 -15.30 -22.99
CA ARG A 54 -23.34 -14.40 -24.06
C ARG A 54 -24.17 -13.27 -23.45
N LEU A 55 -23.65 -12.64 -22.38
CA LEU A 55 -24.35 -11.52 -21.76
C LEU A 55 -24.07 -10.18 -22.43
N TYR A 56 -23.02 -10.11 -23.24
CA TYR A 56 -22.74 -8.88 -24.04
C TYR A 56 -23.83 -8.76 -25.12
N ASP A 57 -24.18 -7.54 -25.48
CA ASP A 57 -25.17 -7.36 -26.54
C ASP A 57 -24.53 -7.69 -27.90
N ALA A 58 -25.19 -8.52 -28.72
CA ALA A 58 -24.57 -8.99 -29.97
C ALA A 58 -24.33 -7.86 -30.98
N ALA A 59 -25.19 -6.83 -30.93
CA ALA A 59 -25.11 -5.70 -31.86
C ALA A 59 -24.15 -4.62 -31.36
N GLN A 60 -24.37 -4.12 -30.15
CA GLN A 60 -23.52 -3.06 -29.56
C GLN A 60 -22.74 -3.73 -28.43
N GLN A 61 -21.54 -4.21 -28.77
CA GLN A 61 -20.84 -5.17 -27.87
C GLN A 61 -20.15 -4.51 -26.66
N HIS A 62 -20.23 -3.19 -26.53
CA HIS A 62 -19.79 -2.58 -25.27
C HIS A 62 -20.91 -2.60 -24.20
N ILE A 63 -22.10 -3.11 -24.54
CA ILE A 63 -23.18 -3.16 -23.55
C ILE A 63 -23.32 -4.55 -22.99
N VAL A 64 -23.38 -4.67 -21.67
CA VAL A 64 -23.62 -5.97 -21.02
C VAL A 64 -25.02 -5.97 -20.44
N TYR A 65 -25.83 -6.96 -20.80
CA TYR A 65 -27.20 -7.07 -20.27
C TYR A 65 -27.26 -8.24 -19.32
N CYS A 66 -27.25 -7.93 -18.02
CA CYS A 66 -27.07 -8.96 -16.98
C CYS A 66 -28.32 -9.13 -16.08
N SER A 67 -29.45 -8.53 -16.48
N SER A 67 -29.43 -8.53 -16.50
CA SER A 67 -30.66 -8.49 -15.65
CA SER A 67 -30.66 -8.48 -15.72
C SER A 67 -31.20 -9.87 -15.24
C SER A 67 -31.21 -9.84 -15.28
N ASN A 68 -31.07 -10.85 -16.14
CA ASN A 68 -31.54 -12.21 -15.89
C ASN A 68 -30.42 -13.20 -15.56
N ASP A 69 -29.33 -12.72 -14.94
CA ASP A 69 -28.16 -13.56 -14.64
C ASP A 69 -27.71 -13.24 -13.22
N LEU A 70 -27.03 -14.20 -12.59
CA LEU A 70 -26.45 -13.96 -11.26
C LEU A 70 -25.59 -12.69 -11.26
N LEU A 71 -24.87 -12.42 -12.35
CA LEU A 71 -24.06 -11.19 -12.40
C LEU A 71 -24.88 -9.93 -12.11
N GLY A 72 -26.08 -9.83 -12.68
CA GLY A 72 -26.94 -8.69 -12.42
C GLY A 72 -27.37 -8.60 -10.98
N ASP A 73 -27.63 -9.74 -10.36
CA ASP A 73 -27.99 -9.76 -8.94
C ASP A 73 -26.82 -9.26 -8.07
N LEU A 74 -25.59 -9.65 -8.42
CA LEU A 74 -24.41 -9.25 -7.63
C LEU A 74 -24.00 -7.80 -7.86
N PHE A 75 -24.19 -7.31 -9.08
CA PHE A 75 -23.88 -5.91 -9.37
C PHE A 75 -25.04 -4.95 -9.03
N GLY A 76 -26.26 -5.49 -8.98
CA GLY A 76 -27.46 -4.71 -8.65
C GLY A 76 -28.04 -3.85 -9.77
N VAL A 77 -27.61 -4.10 -11.01
CA VAL A 77 -28.07 -3.34 -12.16
C VAL A 77 -28.53 -4.30 -13.29
N PRO A 78 -29.45 -3.85 -14.16
CA PRO A 78 -29.85 -4.70 -15.29
C PRO A 78 -28.84 -4.73 -16.44
N SER A 79 -28.01 -3.69 -16.55
CA SER A 79 -27.08 -3.55 -17.65
C SER A 79 -26.06 -2.50 -17.30
N PHE A 80 -24.95 -2.51 -18.03
CA PHE A 80 -23.92 -1.48 -17.89
C PHE A 80 -23.09 -1.45 -19.16
N SER A 81 -22.33 -0.37 -19.34
CA SER A 81 -21.45 -0.25 -20.48
C SER A 81 -20.03 -0.59 -20.05
N VAL A 82 -19.33 -1.33 -20.90
CA VAL A 82 -17.94 -1.69 -20.64
C VAL A 82 -17.05 -0.45 -20.54
N LYS A 83 -17.49 0.65 -21.17
CA LYS A 83 -16.72 1.90 -21.12
C LYS A 83 -16.75 2.56 -19.73
N GLU A 84 -17.67 2.11 -18.86
CA GLU A 84 -17.81 2.69 -17.51
C GLU A 84 -16.83 1.97 -16.54
N HIS A 85 -15.52 2.19 -16.74
CA HIS A 85 -14.46 1.41 -16.04
C HIS A 85 -14.59 1.56 -14.53
N ARG A 86 -14.68 2.80 -14.04
CA ARG A 86 -14.69 3.00 -12.59
C ARG A 86 -15.94 2.43 -11.89
N LYS A 87 -17.08 2.46 -12.59
CA LYS A 87 -18.31 1.87 -12.09
C LYS A 87 -18.15 0.37 -11.96
N ILE A 88 -17.56 -0.24 -12.99
CA ILE A 88 -17.33 -1.72 -12.96
C ILE A 88 -16.41 -2.10 -11.80
N TYR A 89 -15.33 -1.35 -11.60
CA TYR A 89 -14.43 -1.68 -10.48
C TYR A 89 -15.21 -1.60 -9.16
N THR A 90 -16.02 -0.57 -9.00
N THR A 90 -16.02 -0.55 -8.99
CA THR A 90 -16.83 -0.39 -7.79
CA THR A 90 -16.80 -0.38 -7.74
C THR A 90 -17.82 -1.53 -7.57
C THR A 90 -17.82 -1.52 -7.56
N MET A 91 -18.41 -2.00 -8.66
CA MET A 91 -19.37 -3.10 -8.58
C MET A 91 -18.67 -4.40 -8.17
N ILE A 92 -17.43 -4.57 -8.61
CA ILE A 92 -16.59 -5.69 -8.16
C ILE A 92 -16.20 -5.51 -6.67
N TYR A 93 -15.77 -4.30 -6.25
CA TYR A 93 -15.42 -4.11 -4.81
C TYR A 93 -16.56 -4.47 -3.87
N ARG A 94 -17.82 -4.23 -4.29
CA ARG A 94 -19.00 -4.56 -3.47
C ARG A 94 -19.09 -6.05 -3.21
N ASN A 95 -18.42 -6.83 -4.08
CA ASN A 95 -18.44 -8.29 -4.00
C ASN A 95 -17.12 -8.93 -3.52
N LEU A 96 -16.30 -8.14 -2.84
CA LEU A 96 -15.06 -8.65 -2.24
C LEU A 96 -15.18 -8.70 -0.72
N VAL A 97 -14.49 -9.65 -0.11
CA VAL A 97 -14.46 -9.78 1.36
C VAL A 97 -13.66 -8.64 1.98
N VAL A 98 -14.17 -8.04 3.05
CA VAL A 98 -13.42 -7.06 3.85
C VAL A 98 -12.48 -7.89 4.73
N VAL A 99 -11.17 -7.77 4.48
CA VAL A 99 -10.18 -8.59 5.19
C VAL A 99 -9.47 -7.79 6.29
N ASN A 100 -9.48 -6.46 6.17
CA ASN A 100 -8.84 -5.57 7.16
C ASN A 100 -7.41 -5.96 7.53
N SER B 5 -3.14 -1.60 -8.49
CA SER B 5 -3.67 -2.33 -7.30
C SER B 5 -3.68 -1.51 -6.00
N SER B 6 -2.99 -0.38 -6.01
CA SER B 6 -3.13 0.61 -4.94
C SER B 6 -4.51 1.29 -5.00
N GLN B 7 -5.31 0.97 -6.02
CA GLN B 7 -6.69 1.47 -6.09
C GLN B 7 -7.74 0.51 -5.50
N ILE B 8 -7.33 -0.70 -5.15
CA ILE B 8 -8.22 -1.60 -4.38
C ILE B 8 -8.45 -0.96 -2.99
N PRO B 9 -9.71 -0.93 -2.52
CA PRO B 9 -9.97 -0.40 -1.17
C PRO B 9 -9.06 -1.03 -0.14
N ALA B 10 -8.50 -0.20 0.74
CA ALA B 10 -7.52 -0.71 1.70
C ALA B 10 -8.06 -1.89 2.52
N SER B 11 -9.35 -1.83 2.87
CA SER B 11 -10.03 -2.87 3.66
C SER B 11 -10.13 -4.22 2.96
N GLU B 12 -9.97 -4.22 1.64
CA GLU B 12 -10.10 -5.45 0.81
C GLU B 12 -8.78 -6.04 0.31
N GLN B 13 -7.67 -5.35 0.56
CA GLN B 13 -6.34 -5.81 0.07
C GLN B 13 -5.78 -6.88 0.98
N GLU B 14 -5.40 -8.00 0.38
CA GLU B 14 -4.59 -9.02 1.05
C GLU B 14 -3.19 -8.84 0.54
N THR B 15 -2.28 -8.48 1.41
CA THR B 15 -0.90 -8.31 0.99
C THR B 15 -0.15 -9.59 1.36
N LEU B 16 0.31 -10.28 0.32
CA LEU B 16 0.96 -11.57 0.46
C LEU B 16 2.39 -11.49 -0.07
N VAL B 17 3.20 -12.48 0.34
CA VAL B 17 4.54 -12.66 -0.16
C VAL B 17 4.69 -14.09 -0.68
N ARG B 18 5.69 -14.27 -1.53
CA ARG B 18 5.95 -15.56 -2.17
C ARG B 18 7.37 -16.00 -1.77
N PRO B 19 7.49 -16.94 -0.82
CA PRO B 19 8.84 -17.38 -0.46
C PRO B 19 9.60 -18.01 -1.64
N LYS B 20 10.90 -17.74 -1.73
CA LYS B 20 11.79 -18.39 -2.72
C LYS B 20 11.81 -19.89 -2.42
N PRO B 21 12.24 -20.72 -3.40
CA PRO B 21 12.06 -22.17 -3.24
C PRO B 21 12.67 -22.80 -1.97
N LEU B 22 13.87 -22.36 -1.55
CA LEU B 22 14.43 -22.96 -0.35
C LEU B 22 13.73 -22.54 0.96
N LEU B 23 13.34 -21.26 1.09
CA LEU B 23 12.50 -20.86 2.22
C LEU B 23 11.15 -21.60 2.22
N LEU B 24 10.58 -21.77 1.03
CA LEU B 24 9.33 -22.51 0.89
C LEU B 24 9.51 -23.94 1.41
N LYS B 25 10.62 -24.58 1.06
CA LYS B 25 10.89 -25.95 1.52
C LYS B 25 10.95 -26.01 3.06
N LEU B 26 11.57 -25.00 3.66
N LEU B 26 11.58 -25.00 3.68
CA LEU B 26 11.68 -24.91 5.12
CA LEU B 26 11.64 -24.91 5.15
C LEU B 26 10.27 -24.84 5.76
C LEU B 26 10.25 -24.85 5.77
N LEU B 27 9.41 -23.98 5.21
CA LEU B 27 8.05 -23.81 5.76
C LEU B 27 7.21 -25.08 5.55
N LYS B 28 7.34 -25.69 4.38
CA LYS B 28 6.63 -26.94 4.11
C LYS B 28 7.05 -28.10 4.99
N SER B 29 8.28 -28.06 5.48
CA SER B 29 8.76 -29.14 6.34
C SER B 29 8.05 -29.18 7.70
N VAL B 30 7.43 -28.07 8.09
CA VAL B 30 6.59 -28.09 9.31
C VAL B 30 5.12 -27.94 8.98
N GLY B 31 4.76 -28.34 7.77
CA GLY B 31 3.36 -28.55 7.44
C GLY B 31 2.67 -27.44 6.70
N ALA B 32 3.39 -26.38 6.34
CA ALA B 32 2.79 -25.34 5.50
C ALA B 32 2.39 -25.95 4.13
N GLN B 33 1.30 -25.48 3.56
CA GLN B 33 0.69 -26.09 2.36
C GLN B 33 0.53 -25.16 1.15
N LYS B 34 0.77 -23.86 1.33
CA LYS B 34 0.53 -22.86 0.29
C LYS B 34 1.81 -22.39 -0.40
N ASP B 35 1.65 -21.61 -1.47
CA ASP B 35 2.79 -20.97 -2.14
C ASP B 35 2.90 -19.48 -1.76
N THR B 36 1.82 -18.89 -1.26
CA THR B 36 1.82 -17.49 -0.82
C THR B 36 1.30 -17.34 0.60
N TYR B 37 1.81 -16.35 1.33
CA TYR B 37 1.56 -16.22 2.77
C TYR B 37 1.54 -14.76 3.09
N THR B 38 0.84 -14.38 4.16
CA THR B 38 1.08 -13.05 4.76
C THR B 38 2.42 -13.10 5.50
N MET B 39 3.04 -11.93 5.77
CA MET B 39 4.28 -11.93 6.57
C MET B 39 4.06 -12.55 7.95
N LYS B 40 2.90 -12.27 8.55
CA LYS B 40 2.58 -12.83 9.87
C LYS B 40 2.59 -14.36 9.83
N GLU B 41 1.97 -14.94 8.79
CA GLU B 41 2.01 -16.38 8.59
C GLU B 41 3.44 -16.92 8.41
N VAL B 42 4.27 -16.23 7.62
CA VAL B 42 5.67 -16.66 7.46
C VAL B 42 6.36 -16.65 8.83
N LEU B 43 6.14 -15.59 9.60
CA LEU B 43 6.74 -15.51 10.95
C LEU B 43 6.29 -16.64 11.90
N PHE B 44 5.01 -16.98 11.85
CA PHE B 44 4.49 -18.07 12.71
C PHE B 44 5.13 -19.40 12.30
N TYR B 45 5.12 -19.72 11.00
CA TYR B 45 5.73 -21.00 10.57
C TYR B 45 7.23 -21.03 10.85
N LEU B 46 7.92 -19.88 10.67
CA LEU B 46 9.35 -19.86 10.98
C LEU B 46 9.62 -20.11 12.48
N GLY B 47 8.79 -19.54 13.37
CA GLY B 47 8.93 -19.84 14.81
C GLY B 47 8.69 -21.32 15.10
N GLN B 48 7.67 -21.89 14.46
CA GLN B 48 7.41 -23.34 14.58
C GLN B 48 8.60 -24.20 14.09
N TYR B 49 9.21 -23.80 12.96
CA TYR B 49 10.37 -24.49 12.43
C TYR B 49 11.55 -24.44 13.42
N ILE B 50 11.86 -23.25 13.95
CA ILE B 50 12.93 -23.13 14.94
C ILE B 50 12.68 -24.01 16.17
N MET B 51 11.43 -24.06 16.61
CA MET B 51 11.03 -24.93 17.73
C MET B 51 11.24 -26.40 17.42
N THR B 52 10.77 -26.83 16.25
N THR B 52 10.78 -26.85 16.25
CA THR B 52 10.88 -28.24 15.82
CA THR B 52 10.90 -28.28 15.94
C THR B 52 12.34 -28.71 15.76
C THR B 52 12.36 -28.73 15.77
N LYS B 53 13.21 -27.83 15.28
CA LYS B 53 14.63 -28.13 15.08
C LYS B 53 15.47 -27.84 16.34
N ARG B 54 14.83 -27.31 17.38
CA ARG B 54 15.51 -26.92 18.63
C ARG B 54 16.74 -26.05 18.38
N LEU B 55 16.63 -25.07 17.48
CA LEU B 55 17.77 -24.18 17.22
C LEU B 55 18.00 -23.09 18.26
N TYR B 56 17.00 -22.81 19.09
CA TYR B 56 17.17 -21.80 20.16
C TYR B 56 18.11 -22.35 21.27
N ASP B 57 18.84 -21.44 21.90
N ASP B 57 18.81 -21.44 21.94
CA ASP B 57 19.66 -21.79 23.05
CA ASP B 57 19.73 -21.77 23.05
C ASP B 57 18.69 -22.10 24.20
C ASP B 57 18.90 -22.01 24.32
N ALA B 58 18.82 -23.26 24.81
CA ALA B 58 17.88 -23.63 25.89
C ALA B 58 18.06 -22.75 27.14
N ALA B 59 19.29 -22.27 27.33
CA ALA B 59 19.66 -21.45 28.49
C ALA B 59 19.37 -19.97 28.32
N GLN B 60 19.27 -19.51 27.07
CA GLN B 60 19.04 -18.08 26.75
C GLN B 60 18.21 -18.08 25.47
N GLN B 61 16.91 -18.23 25.62
CA GLN B 61 16.06 -18.64 24.50
C GLN B 61 15.77 -17.55 23.48
N HIS B 62 16.33 -16.35 23.67
CA HIS B 62 16.30 -15.38 22.56
C HIS B 62 17.45 -15.57 21.56
N ILE B 63 18.37 -16.47 21.85
N ILE B 63 18.37 -16.47 21.85
CA ILE B 63 19.48 -16.73 20.93
CA ILE B 63 19.49 -16.74 20.94
C ILE B 63 19.15 -17.92 20.04
C ILE B 63 19.16 -17.92 20.04
N VAL B 64 19.27 -17.74 18.73
CA VAL B 64 19.04 -18.83 17.78
C VAL B 64 20.38 -19.23 17.18
N TYR B 65 20.76 -20.51 17.30
CA TYR B 65 21.99 -21.07 16.71
C TYR B 65 21.64 -21.80 15.41
N CYS B 66 21.90 -21.17 14.28
CA CYS B 66 21.45 -21.73 12.99
C CYS B 66 22.59 -22.10 12.03
N SER B 67 23.83 -22.12 12.53
CA SER B 67 25.00 -22.30 11.67
C SER B 67 25.02 -23.61 10.88
N ASN B 68 24.51 -24.68 11.48
CA ASN B 68 24.48 -25.99 10.85
C ASN B 68 23.09 -26.38 10.33
N ASP B 69 22.27 -25.40 10.02
CA ASP B 69 20.89 -25.63 9.56
C ASP B 69 20.69 -24.87 8.25
N LEU B 70 19.75 -25.35 7.43
CA LEU B 70 19.36 -24.61 6.21
C LEU B 70 19.01 -23.15 6.53
N LEU B 71 18.33 -22.91 7.64
CA LEU B 71 18.04 -21.51 8.06
C LEU B 71 19.29 -20.60 8.04
N GLY B 72 20.41 -21.09 8.54
CA GLY B 72 21.65 -20.32 8.56
C GLY B 72 22.14 -19.98 7.16
N ASP B 73 22.03 -20.95 6.23
CA ASP B 73 22.40 -20.67 4.84
C ASP B 73 21.52 -19.59 4.22
N LEU B 74 20.22 -19.64 4.52
CA LEU B 74 19.28 -18.69 3.92
C LEU B 74 19.40 -17.29 4.53
N PHE B 75 19.66 -17.21 5.84
CA PHE B 75 19.84 -15.91 6.46
C PHE B 75 21.27 -15.38 6.30
N GLY B 76 22.23 -16.27 6.12
CA GLY B 76 23.62 -15.87 5.93
C GLY B 76 24.39 -15.63 7.22
N VAL B 77 23.83 -16.03 8.37
CA VAL B 77 24.49 -15.82 9.68
C VAL B 77 24.54 -17.12 10.50
N PRO B 78 25.52 -17.26 11.41
CA PRO B 78 25.60 -18.45 12.27
C PRO B 78 24.64 -18.43 13.46
N SER B 79 24.20 -17.24 13.85
CA SER B 79 23.32 -17.09 15.00
C SER B 79 22.75 -15.68 14.95
N PHE B 80 21.66 -15.47 15.67
CA PHE B 80 21.09 -14.15 15.80
C PHE B 80 20.24 -14.12 17.06
N SER B 81 19.85 -12.93 17.47
CA SER B 81 18.94 -12.76 18.61
C SER B 81 17.52 -12.45 18.13
N VAL B 82 16.53 -13.09 18.74
CA VAL B 82 15.12 -12.87 18.42
C VAL B 82 14.74 -11.41 18.68
N LYS B 83 15.46 -10.73 19.58
CA LYS B 83 15.20 -9.32 19.86
C LYS B 83 15.53 -8.38 18.70
N GLU B 84 16.29 -8.88 17.71
CA GLU B 84 16.76 -8.06 16.56
C GLU B 84 15.67 -8.11 15.47
N HIS B 85 14.52 -7.51 15.77
CA HIS B 85 13.34 -7.63 14.89
C HIS B 85 13.61 -7.18 13.46
N ARG B 86 14.14 -5.96 13.32
CA ARG B 86 14.31 -5.42 11.96
C ARG B 86 15.35 -6.20 11.11
N LYS B 87 16.37 -6.75 11.78
CA LYS B 87 17.37 -7.60 11.11
C LYS B 87 16.66 -8.87 10.61
N ILE B 88 15.80 -9.44 11.45
CA ILE B 88 15.09 -10.68 11.07
C ILE B 88 14.17 -10.43 9.86
N TYR B 89 13.43 -9.32 9.89
CA TYR B 89 12.58 -9.02 8.74
C TYR B 89 13.41 -8.89 7.46
N THR B 90 14.55 -8.18 7.55
CA THR B 90 15.47 -8.03 6.38
C THR B 90 15.96 -9.37 5.86
N MET B 91 16.32 -10.27 6.79
CA MET B 91 16.80 -11.59 6.40
C MET B 91 15.71 -12.41 5.68
N ILE B 92 14.47 -12.24 6.15
CA ILE B 92 13.29 -12.84 5.45
C ILE B 92 13.10 -12.24 4.06
N TYR B 93 13.14 -10.91 3.94
CA TYR B 93 12.92 -10.30 2.63
C TYR B 93 13.94 -10.75 1.58
N ARG B 94 15.17 -11.06 2.00
CA ARG B 94 16.18 -11.60 1.05
C ARG B 94 15.75 -12.97 0.49
N ASN B 95 14.77 -13.59 1.14
CA ASN B 95 14.28 -14.90 0.71
C ASN B 95 12.88 -14.92 0.13
N LEU B 96 12.43 -13.76 -0.34
CA LEU B 96 11.14 -13.64 -1.05
C LEU B 96 11.34 -13.35 -2.53
N VAL B 97 10.41 -13.86 -3.35
CA VAL B 97 10.44 -13.66 -4.80
C VAL B 97 10.08 -12.22 -5.13
N VAL B 98 10.84 -11.61 -6.04
CA VAL B 98 10.47 -10.33 -6.61
C VAL B 98 9.30 -10.57 -7.57
N VAL B 99 8.13 -10.06 -7.22
CA VAL B 99 6.94 -10.35 -8.01
C VAL B 99 6.58 -9.22 -8.98
N ASN B 100 7.12 -8.02 -8.76
CA ASN B 100 6.85 -6.88 -9.66
C ASN B 100 8.07 -6.39 -10.45
N SER C 6 -19.74 30.61 22.85
CA SER C 6 -19.20 30.35 21.48
C SER C 6 -19.73 31.38 20.48
N GLN C 7 -18.85 32.00 19.71
CA GLN C 7 -19.26 32.94 18.67
C GLN C 7 -19.85 32.21 17.44
N ILE C 8 -20.88 32.81 16.82
CA ILE C 8 -21.50 32.24 15.60
C ILE C 8 -20.51 32.43 14.44
N PRO C 9 -20.29 31.38 13.64
CA PRO C 9 -19.33 31.53 12.51
C PRO C 9 -19.80 32.59 11.53
N ALA C 10 -18.86 33.31 10.91
CA ALA C 10 -19.21 34.39 9.96
C ALA C 10 -20.00 33.88 8.74
N SER C 11 -19.76 32.62 8.36
CA SER C 11 -20.56 31.93 7.32
C SER C 11 -20.55 30.43 7.64
N GLU C 12 -21.43 29.65 7.00
CA GLU C 12 -21.43 28.20 7.17
C GLU C 12 -20.05 27.62 6.85
N GLN C 13 -19.40 28.13 5.80
CA GLN C 13 -18.07 27.65 5.40
C GLN C 13 -17.02 27.83 6.49
N GLU C 14 -17.22 28.82 7.37
CA GLU C 14 -16.25 29.09 8.43
C GLU C 14 -16.49 28.34 9.75
N THR C 15 -17.49 27.48 9.79
CA THR C 15 -17.74 26.66 10.98
C THR C 15 -16.49 25.85 11.27
N LEU C 16 -16.02 25.86 12.53
CA LEU C 16 -14.82 25.11 12.94
C LEU C 16 -15.25 23.73 13.41
N VAL C 17 -14.55 22.71 12.92
CA VAL C 17 -14.93 21.31 13.17
C VAL C 17 -13.71 20.44 13.50
N ARG C 18 -13.93 19.36 14.26
CA ARG C 18 -12.92 18.34 14.53
C ARG C 18 -13.42 17.04 13.88
N PRO C 19 -12.77 16.61 12.79
CA PRO C 19 -13.19 15.32 12.20
C PRO C 19 -13.01 14.17 13.16
N LYS C 20 -13.94 13.24 13.12
CA LYS C 20 -13.86 12.00 13.87
C LYS C 20 -12.75 11.13 13.24
N PRO C 21 -12.32 10.05 13.92
CA PRO C 21 -11.08 9.37 13.52
C PRO C 21 -10.98 8.90 12.07
N LEU C 22 -12.05 8.32 11.54
CA LEU C 22 -12.02 7.86 10.15
C LEU C 22 -11.98 8.99 9.10
N LEU C 23 -12.77 10.03 9.31
CA LEU C 23 -12.66 11.21 8.43
C LEU C 23 -11.24 11.85 8.55
N LEU C 24 -10.70 11.93 9.77
CA LEU C 24 -9.36 12.49 9.96
C LEU C 24 -8.32 11.69 9.18
N LYS C 25 -8.45 10.37 9.22
CA LYS C 25 -7.57 9.47 8.47
C LYS C 25 -7.62 9.77 6.97
N LEU C 26 -8.83 10.02 6.46
CA LEU C 26 -9.01 10.34 5.04
C LEU C 26 -8.31 11.65 4.71
N LEU C 27 -8.55 12.66 5.54
CA LEU C 27 -7.91 13.96 5.31
C LEU C 27 -6.37 13.87 5.36
N LYS C 28 -5.85 13.13 6.34
CA LYS C 28 -4.38 13.01 6.46
C LYS C 28 -3.77 12.26 5.29
N SER C 29 -4.56 11.39 4.65
CA SER C 29 -4.06 10.61 3.53
C SER C 29 -3.79 11.49 2.31
N VAL C 30 -4.42 12.66 2.25
CA VAL C 30 -4.12 13.59 1.15
C VAL C 30 -3.35 14.80 1.60
N GLY C 31 -2.76 14.71 2.79
CA GLY C 31 -1.79 15.71 3.22
C GLY C 31 -2.17 16.62 4.37
N ALA C 32 -3.38 16.46 4.93
CA ALA C 32 -3.80 17.33 6.06
C ALA C 32 -2.90 17.06 7.25
N GLN C 33 -2.61 18.10 8.03
CA GLN C 33 -1.57 18.06 9.07
C GLN C 33 -2.11 18.32 10.48
N LYS C 34 -3.29 18.96 10.56
CA LYS C 34 -3.88 19.48 11.82
C LYS C 34 -5.05 18.61 12.29
N ASP C 35 -5.62 18.96 13.44
CA ASP C 35 -6.78 18.23 14.00
C ASP C 35 -8.11 19.01 13.86
N THR C 36 -8.02 20.33 13.65
CA THR C 36 -9.18 21.22 13.58
C THR C 36 -9.20 21.97 12.24
N TYR C 37 -10.38 22.05 11.63
CA TYR C 37 -10.54 22.58 10.27
C TYR C 37 -11.79 23.43 10.17
N THR C 38 -11.84 24.31 9.18
CA THR C 38 -13.13 24.87 8.80
C THR C 38 -13.86 23.89 7.87
N MET C 39 -15.18 24.01 7.82
CA MET C 39 -15.99 23.24 6.87
C MET C 39 -15.47 23.39 5.43
N LYS C 40 -15.09 24.62 5.03
CA LYS C 40 -14.55 24.86 3.68
C LYS C 40 -13.30 23.99 3.44
N GLU C 41 -12.39 23.94 4.43
CA GLU C 41 -11.16 23.11 4.32
C GLU C 41 -11.50 21.62 4.18
N VAL C 42 -12.49 21.15 4.96
CA VAL C 42 -12.89 19.74 4.86
C VAL C 42 -13.39 19.44 3.44
N LEU C 43 -14.27 20.29 2.90
N LEU C 43 -14.26 20.29 2.91
CA LEU C 43 -14.77 20.11 1.54
CA LEU C 43 -14.77 20.12 1.56
C LEU C 43 -13.67 20.13 0.47
C LEU C 43 -13.68 20.12 0.49
N PHE C 44 -12.71 21.03 0.59
CA PHE C 44 -11.56 21.05 -0.37
C PHE C 44 -10.75 19.75 -0.28
N TYR C 45 -10.45 19.29 0.94
CA TYR C 45 -9.69 18.04 1.08
C TYR C 45 -10.48 16.83 0.56
N LEU C 46 -11.81 16.79 0.77
CA LEU C 46 -12.64 15.70 0.21
C LEU C 46 -12.60 15.71 -1.30
N GLY C 47 -12.71 16.90 -1.90
CA GLY C 47 -12.60 17.00 -3.36
C GLY C 47 -11.24 16.48 -3.85
N GLN C 48 -10.17 16.87 -3.17
CA GLN C 48 -8.81 16.45 -3.52
C GLN C 48 -8.66 14.92 -3.39
N TYR C 49 -9.26 14.35 -2.34
CA TYR C 49 -9.26 12.89 -2.19
C TYR C 49 -9.92 12.20 -3.39
N ILE C 50 -11.12 12.67 -3.76
CA ILE C 50 -11.84 12.07 -4.90
C ILE C 50 -11.03 12.19 -6.21
N MET C 51 -10.40 13.33 -6.45
N MET C 51 -10.39 13.33 -6.43
CA MET C 51 -9.62 13.49 -7.70
CA MET C 51 -9.62 13.54 -7.66
C MET C 51 -8.35 12.63 -7.70
C MET C 51 -8.34 12.67 -7.70
N THR C 52 -7.60 12.64 -6.60
CA THR C 52 -6.31 11.92 -6.57
C THR C 52 -6.54 10.41 -6.65
N LYS C 53 -7.64 9.93 -6.06
CA LYS C 53 -7.99 8.49 -6.14
C LYS C 53 -8.82 8.16 -7.37
N ARG C 54 -9.12 9.16 -8.18
CA ARG C 54 -9.85 8.95 -9.44
C ARG C 54 -11.19 8.23 -9.23
N LEU C 55 -11.96 8.69 -8.25
CA LEU C 55 -13.25 8.04 -7.92
C LEU C 55 -14.44 8.52 -8.79
N TYR C 56 -14.29 9.62 -9.51
CA TYR C 56 -15.40 10.16 -10.28
C TYR C 56 -15.54 9.41 -11.60
N ASP C 57 -16.78 9.26 -12.09
CA ASP C 57 -17.02 8.67 -13.42
C ASP C 57 -16.39 9.59 -14.48
N ALA C 58 -15.56 9.02 -15.36
CA ALA C 58 -14.78 9.83 -16.32
C ALA C 58 -15.69 10.56 -17.34
N ALA C 59 -16.82 9.95 -17.67
CA ALA C 59 -17.75 10.52 -18.67
C ALA C 59 -18.87 11.38 -18.08
N GLN C 60 -19.36 11.01 -16.89
CA GLN C 60 -20.42 11.73 -16.18
C GLN C 60 -19.85 12.13 -14.83
N GLN C 61 -19.12 13.25 -14.82
CA GLN C 61 -18.24 13.57 -13.71
C GLN C 61 -18.91 14.03 -12.41
N HIS C 62 -20.25 14.11 -12.38
CA HIS C 62 -20.94 14.38 -11.12
C HIS C 62 -21.24 13.10 -10.32
N ILE C 63 -20.87 11.95 -10.89
N ILE C 63 -20.89 11.94 -10.89
CA ILE C 63 -21.05 10.67 -10.18
CA ILE C 63 -21.06 10.67 -10.18
C ILE C 63 -19.72 10.22 -9.57
C ILE C 63 -19.73 10.24 -9.56
N VAL C 64 -19.78 9.89 -8.27
CA VAL C 64 -18.60 9.41 -7.54
C VAL C 64 -18.84 7.94 -7.14
N TYR C 65 -17.86 7.09 -7.40
CA TYR C 65 -17.90 5.65 -6.98
C TYR C 65 -16.94 5.41 -5.83
N CYS C 66 -17.44 4.87 -4.72
CA CYS C 66 -16.64 4.77 -3.52
C CYS C 66 -16.86 3.50 -2.71
N SER C 67 -17.40 2.45 -3.34
CA SER C 67 -17.71 1.21 -2.62
C SER C 67 -16.50 0.67 -1.84
N ASN C 68 -16.68 0.57 -0.51
CA ASN C 68 -15.66 0.01 0.42
C ASN C 68 -14.37 0.81 0.55
N ASP C 69 -14.26 1.94 -0.15
CA ASP C 69 -13.20 2.92 0.09
C ASP C 69 -13.44 3.51 1.46
N LEU C 70 -12.40 4.10 2.07
CA LEU C 70 -12.58 4.90 3.30
C LEU C 70 -13.79 5.84 3.16
N LEU C 71 -13.91 6.48 1.99
CA LEU C 71 -15.01 7.42 1.74
C LEU C 71 -16.39 6.75 1.73
N GLY C 72 -16.51 5.61 1.06
CA GLY C 72 -17.77 4.87 1.09
C GLY C 72 -18.13 4.38 2.49
N ASP C 73 -17.12 4.00 3.28
CA ASP C 73 -17.36 3.57 4.68
C ASP C 73 -17.88 4.73 5.54
N LEU C 74 -17.33 5.93 5.34
N LEU C 74 -17.30 5.90 5.30
CA LEU C 74 -17.74 7.12 6.09
CA LEU C 74 -17.64 7.16 5.96
C LEU C 74 -19.12 7.61 5.68
C LEU C 74 -19.09 7.55 5.67
N PHE C 75 -19.43 7.53 4.39
CA PHE C 75 -20.71 7.99 3.87
C PHE C 75 -21.79 6.93 3.95
N GLY C 76 -21.40 5.65 3.95
CA GLY C 76 -22.36 4.51 3.99
C GLY C 76 -23.07 4.16 2.68
N VAL C 77 -22.43 4.54 1.56
CA VAL C 77 -22.96 4.35 0.21
C VAL C 77 -21.87 3.85 -0.76
N PRO C 78 -22.25 3.10 -1.83
CA PRO C 78 -21.30 2.70 -2.87
C PRO C 78 -21.04 3.76 -3.93
N SER C 79 -21.95 4.73 -4.05
N SER C 79 -21.91 4.78 -3.97
CA SER C 79 -21.86 5.81 -5.03
CA SER C 79 -21.88 5.80 -5.00
C SER C 79 -22.81 6.95 -4.63
C SER C 79 -22.78 6.97 -4.58
N PHE C 80 -22.53 8.15 -5.15
CA PHE C 80 -23.44 9.27 -4.95
C PHE C 80 -23.24 10.30 -6.05
N SER C 81 -24.21 11.20 -6.16
CA SER C 81 -24.13 12.31 -7.10
C SER C 81 -23.74 13.61 -6.38
N VAL C 82 -22.79 14.32 -6.97
CA VAL C 82 -22.34 15.62 -6.44
C VAL C 82 -23.48 16.64 -6.40
N LYS C 83 -24.49 16.46 -7.25
CA LYS C 83 -25.65 17.35 -7.29
C LYS C 83 -26.54 17.28 -6.05
N GLU C 84 -26.38 16.21 -5.24
CA GLU C 84 -27.17 16.05 -4.04
C GLU C 84 -26.52 16.75 -2.86
N HIS C 85 -26.54 18.08 -2.90
CA HIS C 85 -25.78 18.88 -1.94
C HIS C 85 -26.14 18.57 -0.49
N ARG C 86 -27.44 18.51 -0.20
CA ARG C 86 -27.84 18.37 1.21
C ARG C 86 -27.56 16.97 1.76
N LYS C 87 -27.74 15.95 0.91
CA LYS C 87 -27.35 14.59 1.27
C LYS C 87 -25.83 14.53 1.60
N ILE C 88 -25.00 15.17 0.78
CA ILE C 88 -23.55 15.17 1.03
C ILE C 88 -23.21 15.85 2.35
N TYR C 89 -23.81 17.03 2.58
CA TYR C 89 -23.58 17.69 3.87
C TYR C 89 -23.96 16.84 5.08
N THR C 90 -25.12 16.18 5.03
N THR C 90 -25.13 16.19 4.99
CA THR C 90 -25.52 15.38 6.18
CA THR C 90 -25.64 15.29 6.03
C THR C 90 -24.58 14.18 6.38
C THR C 90 -24.61 14.20 6.35
N MET C 91 -24.08 13.60 5.29
CA MET C 91 -23.10 12.50 5.41
C MET C 91 -21.79 12.97 6.05
N ILE C 92 -21.34 14.15 5.66
CA ILE C 92 -20.14 14.76 6.24
C ILE C 92 -20.36 15.11 7.72
N TYR C 93 -21.48 15.75 8.04
CA TYR C 93 -21.77 16.17 9.41
C TYR C 93 -21.71 15.00 10.42
N ARG C 94 -22.20 13.82 10.05
CA ARG C 94 -22.12 12.64 10.92
C ARG C 94 -20.68 12.26 11.32
N ASN C 95 -19.70 12.75 10.56
CA ASN C 95 -18.30 12.39 10.73
C ASN C 95 -17.42 13.45 11.37
N LEU C 96 -18.06 14.40 12.04
CA LEU C 96 -17.30 15.45 12.72
C LEU C 96 -18.07 16.02 13.89
N VAL C 97 -17.36 16.81 14.70
CA VAL C 97 -17.92 17.48 15.87
C VAL C 97 -17.66 18.98 15.66
N VAL C 98 -18.64 19.84 15.99
CA VAL C 98 -18.45 21.29 15.92
C VAL C 98 -17.68 21.74 17.15
N VAL C 99 -16.72 22.65 16.96
CA VAL C 99 -15.94 23.18 18.08
C VAL C 99 -16.03 24.71 18.13
N ASN C 100 -15.60 25.26 19.27
CA ASN C 100 -15.57 26.71 19.55
C ASN C 100 -14.80 27.56 18.54
N GLN C 101 -15.45 28.68 18.15
CA GLN C 101 -14.86 29.85 17.45
C GLN C 101 -15.44 30.07 16.07
N SER D 6 32.22 28.16 -12.13
CA SER D 6 31.67 27.92 -10.76
C SER D 6 32.75 28.16 -9.69
N GLN D 7 32.36 28.75 -8.57
CA GLN D 7 33.26 28.88 -7.44
C GLN D 7 33.33 27.55 -6.68
N ILE D 8 34.45 27.30 -6.01
CA ILE D 8 34.59 26.14 -5.11
C ILE D 8 33.60 26.31 -3.96
N PRO D 9 32.82 25.26 -3.62
CA PRO D 9 31.90 25.42 -2.49
C PRO D 9 32.66 25.73 -1.20
N ALA D 10 32.05 26.50 -0.29
CA ALA D 10 32.69 26.83 0.99
C ALA D 10 33.08 25.63 1.86
N SER D 11 32.33 24.53 1.73
CA SER D 11 32.66 23.24 2.36
C SER D 11 32.05 22.13 1.50
N GLU D 12 32.42 20.87 1.74
CA GLU D 12 31.80 19.76 1.01
C GLU D 12 30.28 19.80 1.18
N GLN D 13 29.80 20.10 2.39
CA GLN D 13 28.35 20.06 2.64
C GLN D 13 27.59 21.21 1.98
N GLU D 14 28.33 22.23 1.49
CA GLU D 14 27.71 23.33 0.73
C GLU D 14 27.64 23.12 -0.80
N THR D 15 28.19 22.00 -1.28
CA THR D 15 28.13 21.67 -2.72
C THR D 15 26.65 21.59 -3.16
N LEU D 16 26.31 22.22 -4.29
CA LEU D 16 24.94 22.17 -4.85
C LEU D 16 24.80 21.03 -5.84
N VAL D 17 23.72 20.28 -5.71
CA VAL D 17 23.57 19.03 -6.44
C VAL D 17 22.13 18.86 -6.88
N ARG D 18 21.93 18.04 -7.90
CA ARG D 18 20.60 17.65 -8.26
C ARG D 18 20.49 16.11 -8.29
N PRO D 19 19.42 15.57 -7.70
CA PRO D 19 19.36 14.09 -7.60
C PRO D 19 18.96 13.40 -8.91
N LYS D 20 19.53 12.22 -9.15
CA LYS D 20 19.01 11.34 -10.21
C LYS D 20 17.66 10.74 -9.77
N PRO D 21 16.93 10.07 -10.68
CA PRO D 21 15.53 9.69 -10.41
C PRO D 21 15.24 8.92 -9.12
N LEU D 22 16.06 7.92 -8.81
CA LEU D 22 15.81 7.12 -7.61
C LEU D 22 15.99 7.92 -6.31
N LEU D 23 17.10 8.67 -6.25
CA LEU D 23 17.32 9.50 -5.07
C LEU D 23 16.25 10.61 -4.98
N LEU D 24 15.83 11.16 -6.12
CA LEU D 24 14.77 12.17 -6.10
C LEU D 24 13.48 11.66 -5.46
N LYS D 25 13.09 10.43 -5.78
CA LYS D 25 11.91 9.82 -5.15
C LYS D 25 12.04 9.78 -3.61
N LEU D 26 13.24 9.46 -3.13
CA LEU D 26 13.47 9.41 -1.70
C LEU D 26 13.31 10.81 -1.09
N LEU D 27 13.97 11.79 -1.69
CA LEU D 27 13.93 13.15 -1.13
C LEU D 27 12.53 13.75 -1.11
N LYS D 28 11.77 13.53 -2.18
CA LYS D 28 10.36 13.96 -2.24
C LYS D 28 9.51 13.36 -1.11
N SER D 29 9.84 12.17 -0.64
CA SER D 29 9.01 11.56 0.38
C SER D 29 9.24 12.19 1.77
N VAL D 30 10.32 12.96 1.92
CA VAL D 30 10.75 13.59 3.18
C VAL D 30 10.22 15.01 3.35
N GLY D 31 10.14 15.76 2.26
CA GLY D 31 9.72 17.14 2.36
C GLY D 31 9.58 17.69 0.98
N ALA D 32 9.33 19.00 0.87
CA ALA D 32 9.11 19.64 -0.43
C ALA D 32 10.26 19.37 -1.39
N GLN D 33 9.91 18.98 -2.62
CA GLN D 33 10.87 18.77 -3.68
C GLN D 33 11.54 20.12 -3.97
N LYS D 34 12.83 20.07 -4.32
CA LYS D 34 13.58 21.27 -4.67
C LYS D 34 14.19 21.01 -6.04
N ASP D 35 14.53 22.08 -6.76
CA ASP D 35 15.25 21.96 -8.02
C ASP D 35 16.73 21.58 -7.76
N THR D 36 17.30 22.15 -6.71
CA THR D 36 18.68 21.85 -6.32
C THR D 36 18.76 21.74 -4.79
N TYR D 37 19.70 20.92 -4.32
CA TYR D 37 19.89 20.68 -2.89
C TYR D 37 21.34 20.93 -2.58
N THR D 38 21.66 21.23 -1.33
CA THR D 38 23.04 21.16 -0.87
C THR D 38 23.32 19.73 -0.44
N MET D 39 24.61 19.35 -0.44
CA MET D 39 24.99 18.04 0.11
C MET D 39 24.50 17.86 1.54
N LYS D 40 24.55 18.92 2.36
CA LYS D 40 24.01 18.85 3.73
C LYS D 40 22.52 18.45 3.71
N GLU D 41 21.74 19.07 2.83
CA GLU D 41 20.31 18.76 2.74
C GLU D 41 20.09 17.30 2.33
N VAL D 42 20.87 16.83 1.36
CA VAL D 42 20.75 15.42 0.93
C VAL D 42 20.98 14.47 2.13
N LEU D 43 22.06 14.71 2.88
CA LEU D 43 22.36 13.85 4.04
C LEU D 43 21.28 13.95 5.13
N PHE D 44 20.83 15.17 5.42
CA PHE D 44 19.78 15.35 6.44
C PHE D 44 18.47 14.69 6.02
N TYR D 45 18.10 14.82 4.75
CA TYR D 45 16.87 14.20 4.28
C TYR D 45 16.99 12.68 4.27
N LEU D 46 18.18 12.13 3.94
CA LEU D 46 18.36 10.66 4.03
C LEU D 46 18.20 10.21 5.46
N GLY D 47 18.76 10.99 6.40
CA GLY D 47 18.58 10.67 7.82
C GLY D 47 17.11 10.69 8.23
N GLN D 48 16.38 11.74 7.82
CA GLN D 48 14.97 11.86 8.12
C GLN D 48 14.16 10.65 7.52
N TYR D 49 14.51 10.24 6.31
CA TYR D 49 13.88 9.08 5.67
C TYR D 49 14.11 7.80 6.50
N ILE D 50 15.35 7.57 6.90
CA ILE D 50 15.67 6.38 7.71
C ILE D 50 14.88 6.37 9.03
N MET D 51 14.74 7.53 9.64
CA MET D 51 13.94 7.62 10.88
C MET D 51 12.46 7.40 10.69
N THR D 52 11.89 8.05 9.68
CA THR D 52 10.44 7.96 9.50
C THR D 52 10.05 6.53 9.06
N LYS D 53 10.92 5.85 8.33
CA LYS D 53 10.67 4.47 7.91
C LYS D 53 11.14 3.43 8.94
N ARG D 54 11.77 3.89 10.03
CA ARG D 54 12.28 3.02 11.11
C ARG D 54 13.21 1.94 10.58
N LEU D 55 14.18 2.34 9.77
CA LEU D 55 15.09 1.38 9.14
C LEU D 55 16.36 1.05 9.98
N TYR D 56 16.58 1.76 11.08
CA TYR D 56 17.76 1.52 11.91
C TYR D 56 17.51 0.36 12.90
N ASP D 57 18.58 -0.31 13.34
CA ASP D 57 18.44 -1.35 14.35
C ASP D 57 18.09 -0.66 15.70
N ALA D 58 17.03 -1.10 16.38
CA ALA D 58 16.54 -0.36 17.58
C ALA D 58 17.54 -0.41 18.75
N ALA D 59 18.31 -1.49 18.84
CA ALA D 59 19.28 -1.63 19.95
C ALA D 59 20.69 -1.15 19.60
N GLN D 60 21.10 -1.36 18.34
CA GLN D 60 22.42 -0.91 17.87
C GLN D 60 22.19 0.10 16.75
N GLN D 61 21.97 1.35 17.14
CA GLN D 61 21.39 2.31 16.20
C GLN D 61 22.36 2.87 15.16
N HIS D 62 23.61 2.40 15.16
CA HIS D 62 24.54 2.70 14.05
C HIS D 62 24.35 1.79 12.84
N ILE D 63 23.46 0.81 12.95
N ILE D 63 23.49 0.78 12.95
CA ILE D 63 23.21 -0.15 11.87
CA ILE D 63 23.22 -0.14 11.84
C ILE D 63 21.90 0.20 11.17
C ILE D 63 21.91 0.23 11.17
N VAL D 64 21.96 0.37 9.84
CA VAL D 64 20.75 0.64 9.02
C VAL D 64 20.41 -0.56 8.14
N TYR D 65 19.15 -0.97 8.15
CA TYR D 65 18.70 -2.06 7.24
C TYR D 65 18.08 -1.48 5.99
N CYS D 66 18.52 -1.94 4.83
CA CYS D 66 18.01 -1.41 3.55
C CYS D 66 16.89 -2.31 3.08
N SER D 67 15.86 -2.41 3.91
CA SER D 67 14.75 -3.38 3.74
C SER D 67 13.58 -2.72 3.02
N ASN D 68 13.90 -2.04 1.94
CA ASN D 68 13.05 -1.08 1.29
C ASN D 68 13.56 -1.10 -0.16
N ASP D 69 12.67 -1.08 -1.16
CA ASP D 69 13.11 -1.01 -2.55
C ASP D 69 14.04 0.21 -2.79
N LEU D 70 13.69 1.37 -2.25
CA LEU D 70 14.46 2.59 -2.53
C LEU D 70 15.86 2.54 -1.93
N LEU D 71 15.95 2.20 -0.64
CA LEU D 71 17.24 2.27 0.02
C LEU D 71 18.12 1.12 -0.46
N GLY D 72 17.51 -0.05 -0.68
CA GLY D 72 18.21 -1.20 -1.26
C GLY D 72 18.74 -0.92 -2.67
N ASP D 73 17.92 -0.27 -3.49
CA ASP D 73 18.37 0.13 -4.83
C ASP D 73 19.52 1.14 -4.77
N LEU D 74 19.46 2.08 -3.84
N LEU D 74 19.44 2.05 -3.79
CA LEU D 74 20.52 3.09 -3.75
CA LEU D 74 20.38 3.14 -3.59
C LEU D 74 21.83 2.51 -3.21
C LEU D 74 21.75 2.66 -3.09
N PHE D 75 21.75 1.72 -2.13
CA PHE D 75 22.98 1.27 -1.48
C PHE D 75 23.51 -0.07 -1.96
N GLY D 76 22.64 -0.92 -2.53
CA GLY D 76 23.05 -2.21 -3.12
C GLY D 76 23.47 -3.31 -2.15
N VAL D 77 23.14 -3.11 -0.88
CA VAL D 77 23.43 -4.06 0.21
C VAL D 77 22.22 -4.17 1.12
N PRO D 78 22.16 -5.27 1.92
CA PRO D 78 21.01 -5.37 2.83
C PRO D 78 21.13 -4.53 4.10
N SER D 79 22.36 -4.13 4.47
CA SER D 79 22.56 -3.30 5.65
C SER D 79 23.90 -2.60 5.57
N PHE D 80 24.04 -1.53 6.34
CA PHE D 80 25.33 -0.86 6.46
C PHE D 80 25.45 -0.21 7.82
N SER D 81 26.68 0.10 8.20
CA SER D 81 26.93 0.84 9.43
C SER D 81 27.17 2.32 9.12
N VAL D 82 26.71 3.19 10.00
CA VAL D 82 26.94 4.64 9.83
C VAL D 82 28.45 4.94 9.84
N LYS D 83 29.26 4.01 10.36
CA LYS D 83 30.72 4.18 10.30
C LYS D 83 31.34 3.96 8.90
N GLU D 84 30.58 3.35 7.98
CA GLU D 84 31.09 3.06 6.63
C GLU D 84 30.98 4.31 5.74
N HIS D 85 31.68 5.37 6.15
CA HIS D 85 31.60 6.67 5.47
C HIS D 85 31.88 6.61 3.98
N ARG D 86 32.94 5.91 3.58
CA ARG D 86 33.33 5.79 2.16
C ARG D 86 32.25 5.13 1.31
N LYS D 87 31.65 4.05 1.83
CA LYS D 87 30.56 3.38 1.14
C LYS D 87 29.35 4.31 0.99
N ILE D 88 28.99 4.98 2.09
CA ILE D 88 27.83 5.89 2.10
C ILE D 88 27.99 7.02 1.07
N TYR D 89 29.13 7.71 1.12
CA TYR D 89 29.37 8.78 0.15
C TYR D 89 29.51 8.30 -1.29
N THR D 90 30.14 7.13 -1.48
CA THR D 90 30.26 6.53 -2.84
C THR D 90 28.87 6.34 -3.46
N MET D 91 27.95 5.77 -2.68
CA MET D 91 26.63 5.49 -3.23
C MET D 91 25.82 6.78 -3.39
N ILE D 92 25.96 7.73 -2.47
CA ILE D 92 25.27 9.02 -2.64
C ILE D 92 25.74 9.76 -3.90
N TYR D 93 27.06 9.90 -4.04
CA TYR D 93 27.65 10.56 -5.22
C TYR D 93 27.22 9.95 -6.56
N ARG D 94 27.06 8.62 -6.61
CA ARG D 94 26.63 7.95 -7.84
C ARG D 94 25.20 8.35 -8.24
N ASN D 95 24.44 8.88 -7.28
CA ASN D 95 23.04 9.18 -7.50
C ASN D 95 22.71 10.68 -7.58
N LEU D 96 23.71 11.50 -7.87
N LEU D 96 23.77 11.48 -7.77
CA LEU D 96 23.41 12.90 -8.08
CA LEU D 96 23.70 12.96 -7.82
C LEU D 96 24.44 13.55 -8.99
C LEU D 96 24.40 13.48 -9.09
N VAL D 97 24.05 14.69 -9.53
CA VAL D 97 24.85 15.47 -10.49
C VAL D 97 25.21 16.78 -9.79
N VAL D 98 26.45 17.26 -9.96
CA VAL D 98 26.85 18.55 -9.38
C VAL D 98 26.39 19.70 -10.28
N VAL D 99 25.92 20.77 -9.67
CA VAL D 99 25.44 21.92 -10.45
C VAL D 99 26.21 23.17 -10.01
N ASN D 100 26.02 24.25 -10.76
N ASN D 100 26.07 24.26 -10.77
CA ASN D 100 26.71 25.54 -10.51
CA ASN D 100 26.81 25.50 -10.51
C ASN D 100 26.39 26.15 -9.15
C ASN D 100 26.42 26.12 -9.17
N GLN D 101 27.43 26.60 -8.44
CA GLN D 101 27.25 27.40 -7.23
C GLN D 101 26.63 28.75 -7.62
N THR E 2 -16.84 -3.07 -32.90
CA THR E 2 -15.72 -3.51 -32.05
C THR E 2 -16.19 -4.69 -31.20
N SER E 3 -15.33 -5.70 -31.01
CA SER E 3 -15.71 -6.87 -30.21
C SER E 3 -15.83 -6.51 -28.73
N PHE E 4 -16.71 -7.23 -28.05
CA PHE E 4 -16.77 -7.15 -26.57
C PHE E 4 -15.34 -7.38 -26.03
N GLU E 6 -12.39 -6.77 -27.23
CA GLU E 6 -11.53 -5.58 -27.32
C GLU E 6 -11.92 -4.51 -26.29
N TYR E 7 -13.22 -4.27 -26.11
CA TYR E 7 -13.67 -3.33 -25.07
C TYR E 7 -13.20 -3.73 -23.68
N TRP E 8 -13.41 -5.00 -23.32
CA TRP E 8 -13.17 -5.45 -21.92
C TRP E 8 -11.67 -5.52 -21.64
N LEU E 10 -9.41 -3.48 -22.16
CA LEU E 10 -8.93 -2.20 -21.61
C LEU E 10 -9.04 -2.13 -20.08
N LEU E 11 -9.86 -3.01 -19.49
N LEU E 11 -9.89 -2.95 -19.47
CA LEU E 11 -10.14 -2.96 -18.04
CA LEU E 11 -10.01 -2.85 -18.02
C LEU E 11 -8.99 -3.47 -17.15
C LEU E 11 -8.74 -3.34 -17.34
N PRO E 12 -8.40 -4.65 -17.48
CA PRO E 12 -7.19 -5.08 -16.76
C PRO E 12 -5.92 -4.37 -17.27
N GLU E 13 -5.86 -4.11 -18.58
CA GLU E 13 -4.71 -3.45 -19.18
C GLU E 13 -4.45 -2.07 -18.55
N ASN E 14 -5.54 -1.35 -18.26
CA ASN E 14 -5.46 -0.02 -17.67
C ASN E 14 -5.55 0.01 -16.15
N TYR E 15 -5.93 -1.10 -15.53
CA TYR E 15 -6.10 -1.16 -14.07
C TYR E 15 -4.78 -0.97 -13.35
N THR F 2 12.91 -16.65 30.33
CA THR F 2 11.89 -16.35 29.28
C THR F 2 12.00 -17.36 28.13
N SER F 3 10.86 -17.84 27.65
CA SER F 3 10.85 -18.88 26.61
C SER F 3 11.01 -18.33 25.20
N PHE F 4 11.48 -19.20 24.30
CA PHE F 4 11.66 -18.78 22.90
C PHE F 4 10.31 -18.32 22.42
N GLU F 6 7.86 -16.88 24.03
CA GLU F 6 7.54 -15.48 24.45
C GLU F 6 8.30 -14.46 23.61
N TYR F 7 9.56 -14.74 23.28
CA TYR F 7 10.34 -13.77 22.48
C TYR F 7 9.82 -13.67 21.06
N TRP F 8 9.60 -14.83 20.42
CA TRP F 8 9.31 -14.83 18.96
C TRP F 8 7.89 -14.32 18.74
N LEU F 10 6.58 -11.78 19.77
CA LEU F 10 6.54 -10.32 19.56
C LEU F 10 6.76 -9.92 18.10
N LEU F 11 7.23 -10.86 17.27
CA LEU F 11 7.56 -10.50 15.88
C LEU F 11 6.26 -10.35 15.08
N PRO F 12 5.44 -11.42 14.98
CA PRO F 12 4.18 -11.23 14.23
C PRO F 12 3.23 -10.27 14.95
N GLU F 13 3.25 -10.28 16.29
CA GLU F 13 2.34 -9.44 17.06
C GLU F 13 2.57 -7.94 16.83
N ASN F 14 3.84 -7.53 16.69
CA ASN F 14 4.16 -6.10 16.47
C ASN F 14 4.42 -5.73 15.00
N TYR F 15 4.36 -6.70 14.10
CA TYR F 15 4.69 -6.42 12.71
C TYR F 15 3.67 -5.49 12.05
N THR G 2 -19.01 18.93 -18.03
CA THR G 2 -18.52 19.63 -16.84
C THR G 2 -17.58 18.75 -16.03
N SER G 3 -16.49 19.36 -15.54
CA SER G 3 -15.50 18.63 -14.71
C SER G 3 -16.05 18.31 -13.32
N PHE G 4 -15.56 17.21 -12.75
CA PHE G 4 -15.89 16.90 -11.36
C PHE G 4 -15.49 18.11 -10.47
N GLU G 6 -15.49 21.31 -11.21
CA GLU G 6 -16.48 22.40 -11.23
C GLU G 6 -17.74 22.00 -10.47
N TYR G 7 -18.18 20.73 -10.57
CA TYR G 7 -19.33 20.28 -9.80
C TYR G 7 -19.10 20.41 -8.30
N TRP G 8 -17.93 19.99 -7.81
CA TRP G 8 -17.68 19.94 -6.37
C TRP G 8 -17.51 21.36 -5.83
N LEU G 10 -19.30 23.88 -6.48
CA LEU G 10 -20.63 24.42 -6.06
C LEU G 10 -21.05 24.04 -4.63
N LEU G 11 -20.38 23.05 -4.03
CA LEU G 11 -20.64 22.77 -2.60
C LEU G 11 -20.18 23.91 -1.66
N PRO G 12 -18.84 24.18 -1.56
CA PRO G 12 -18.48 25.43 -0.90
C PRO G 12 -18.39 26.56 -1.94
N THR H 2 23.55 6.28 22.33
CA THR H 2 23.66 7.04 21.08
C THR H 2 22.58 6.61 20.10
N SER H 3 21.72 7.58 19.78
CA SER H 3 20.64 7.40 18.84
C SER H 3 21.18 7.35 17.42
N PHE H 4 20.41 6.76 16.52
CA PHE H 4 20.71 6.83 15.10
C PHE H 4 20.94 8.30 14.72
N GLU H 6 21.94 10.86 16.39
CA GLU H 6 23.25 11.41 16.76
C GLU H 6 24.36 10.86 15.85
N TYR H 7 24.29 9.57 15.50
CA TYR H 7 25.32 8.98 14.63
C TYR H 7 25.30 9.66 13.27
N TRP H 8 24.11 9.86 12.72
CA TRP H 8 24.00 10.33 11.32
C TRP H 8 24.38 11.81 11.20
N LEU H 10 26.85 13.25 12.60
CA LEU H 10 28.33 13.31 12.46
C LEU H 10 28.81 13.17 11.00
N LEU H 11 28.00 12.52 10.16
CA LEU H 11 28.24 12.59 8.72
C LEU H 11 28.00 14.01 8.19
#